data_3MA5
#
_entry.id   3MA5
#
_cell.length_a   84.360
_cell.length_b   84.360
_cell.length_c   227.547
_cell.angle_alpha   90.00
_cell.angle_beta   90.00
_cell.angle_gamma   120.00
#
_symmetry.space_group_name_H-M   'P 65 2 2'
#
loop_
_entity.id
_entity.type
_entity.pdbx_description
1 polymer 'Tetratricopeptide repeat domain protein'
2 water water
#
_entity_poly.entity_id   1
_entity_poly.type   'polypeptide(L)'
_entity_poly.pdbx_seq_one_letter_code
;MEDPEDPFTRYALAQEHLKHDNASRALALFEELVETDPDYVGTYYHLGKLYERLDRTDDAIDTYAQGIEVAREEGTQKDL
SELQDAKLKAEGLEHHHHHH
;
_entity_poly.pdbx_strand_id   A,B,C,D
#
# COMPACT_ATOMS: atom_id res chain seq x y z
N GLU A 5 -12.84 10.82 -12.30
CA GLU A 5 -11.79 11.04 -13.37
C GLU A 5 -11.08 12.39 -13.18
N ASP A 6 -11.08 12.88 -11.95
CA ASP A 6 -10.46 14.15 -11.59
C ASP A 6 -9.04 13.96 -11.04
N PRO A 7 -8.09 14.80 -11.50
CA PRO A 7 -6.69 14.73 -11.05
C PRO A 7 -6.54 14.36 -9.59
N PHE A 8 -7.00 15.21 -8.68
CA PHE A 8 -6.86 14.87 -7.28
C PHE A 8 -7.61 13.60 -6.92
N THR A 9 -8.82 13.42 -7.43
CA THR A 9 -9.57 12.23 -7.07
C THR A 9 -8.75 10.97 -7.29
N ARG A 10 -8.30 10.72 -8.52
CA ARG A 10 -7.51 9.51 -8.77
C ARG A 10 -6.13 9.57 -8.14
N TYR A 11 -5.57 10.77 -7.97
CA TYR A 11 -4.29 10.87 -7.31
C TYR A 11 -4.46 10.26 -5.89
N ALA A 12 -5.41 10.81 -5.12
CA ALA A 12 -5.69 10.33 -3.77
C ALA A 12 -6.04 8.85 -3.85
N LEU A 13 -6.77 8.48 -4.90
CA LEU A 13 -7.16 7.10 -5.13
C LEU A 13 -5.88 6.27 -5.12
N ALA A 14 -5.02 6.55 -6.10
CA ALA A 14 -3.73 5.88 -6.26
C ALA A 14 -2.98 5.82 -4.95
N GLN A 15 -3.18 6.84 -4.13
CA GLN A 15 -2.54 6.99 -2.84
C GLN A 15 -3.01 6.05 -1.75
N GLU A 16 -4.29 5.72 -1.75
CA GLU A 16 -4.81 4.82 -0.73
C GLU A 16 -4.26 3.43 -1.05
N HIS A 17 -4.31 3.06 -2.34
CA HIS A 17 -3.78 1.77 -2.79
C HIS A 17 -2.38 1.59 -2.21
N LEU A 18 -1.47 2.48 -2.58
CA LEU A 18 -0.12 2.46 -2.07
C LEU A 18 -0.05 2.04 -0.60
N LYS A 19 -0.94 2.59 0.22
CA LYS A 19 -1.01 2.31 1.66
C LYS A 19 -1.44 0.89 1.96
N HIS A 20 -2.39 0.40 1.17
CA HIS A 20 -2.90 -0.94 1.31
C HIS A 20 -2.05 -1.92 0.49
N ASP A 21 -0.78 -1.59 0.28
CA ASP A 21 0.14 -2.44 -0.47
C ASP A 21 -0.29 -2.90 -1.88
N ASN A 22 -1.12 -2.10 -2.56
CA ASN A 22 -1.57 -2.40 -3.90
C ASN A 22 -0.79 -1.53 -4.89
N ALA A 23 0.51 -1.79 -4.99
CA ALA A 23 1.40 -1.03 -5.83
C ALA A 23 1.13 -1.10 -7.33
N SER A 24 0.71 -2.25 -7.82
CA SER A 24 0.47 -2.37 -9.24
C SER A 24 -0.63 -1.42 -9.69
N ARG A 25 -1.68 -1.30 -8.87
CA ARG A 25 -2.81 -0.42 -9.16
C ARG A 25 -2.38 1.03 -8.98
N ALA A 26 -1.65 1.30 -7.90
CA ALA A 26 -1.15 2.64 -7.67
C ALA A 26 -0.34 3.07 -8.89
N LEU A 27 0.57 2.21 -9.37
CA LEU A 27 1.40 2.54 -10.52
C LEU A 27 0.61 2.81 -11.80
N ALA A 28 -0.40 2.00 -12.07
CA ALA A 28 -1.23 2.18 -13.26
C ALA A 28 -1.73 3.63 -13.26
N LEU A 29 -2.51 3.96 -12.24
CA LEU A 29 -3.06 5.30 -12.08
C LEU A 29 -1.99 6.41 -12.22
N PHE A 30 -0.89 6.26 -11.49
CA PHE A 30 0.18 7.26 -11.53
C PHE A 30 0.70 7.55 -12.95
N GLU A 31 1.01 6.49 -13.69
CA GLU A 31 1.55 6.63 -15.05
C GLU A 31 0.56 7.32 -15.96
N GLU A 32 -0.70 6.97 -15.79
CA GLU A 32 -1.82 7.52 -16.55
C GLU A 32 -1.90 9.03 -16.28
N LEU A 33 -1.95 9.37 -15.00
CA LEU A 33 -2.00 10.75 -14.53
C LEU A 33 -0.89 11.58 -15.10
N VAL A 34 0.30 10.99 -15.14
CA VAL A 34 1.44 11.72 -15.64
C VAL A 34 1.34 12.09 -17.12
N GLU A 35 0.57 11.34 -17.90
CA GLU A 35 0.43 11.66 -19.30
C GLU A 35 -0.85 12.42 -19.61
N THR A 36 -1.90 12.21 -18.81
CA THR A 36 -3.15 12.92 -19.03
C THR A 36 -3.03 14.34 -18.47
N ASP A 37 -2.56 14.45 -17.24
CA ASP A 37 -2.37 15.73 -16.56
C ASP A 37 -0.89 15.83 -16.19
N PRO A 38 -0.02 16.09 -17.18
CA PRO A 38 1.42 16.19 -16.92
C PRO A 38 1.89 17.29 -15.98
N ASP A 39 1.16 18.40 -15.85
CA ASP A 39 1.64 19.43 -14.93
C ASP A 39 0.95 19.45 -13.56
N TYR A 40 0.60 18.27 -13.09
CA TYR A 40 0.02 18.06 -11.76
C TYR A 40 1.22 17.44 -11.03
N VAL A 41 2.00 18.29 -10.37
CA VAL A 41 3.23 17.92 -9.64
C VAL A 41 3.28 16.75 -8.65
N GLY A 42 2.20 16.53 -7.91
CA GLY A 42 2.18 15.48 -6.91
C GLY A 42 2.48 14.06 -7.32
N THR A 43 2.15 13.73 -8.57
CA THR A 43 2.36 12.40 -9.10
C THR A 43 3.81 11.99 -9.23
N TYR A 44 4.66 12.92 -9.63
CA TYR A 44 6.06 12.61 -9.85
C TYR A 44 6.84 12.02 -8.69
N TYR A 45 6.58 12.47 -7.48
CA TYR A 45 7.34 11.93 -6.36
C TYR A 45 6.96 10.48 -5.99
N HIS A 46 5.68 10.19 -5.97
CA HIS A 46 5.25 8.85 -5.64
C HIS A 46 5.54 7.86 -6.76
N LEU A 47 5.52 8.31 -8.02
CA LEU A 47 5.76 7.41 -9.13
C LEU A 47 7.20 6.97 -9.13
N GLY A 48 8.10 7.91 -8.89
CA GLY A 48 9.50 7.61 -8.88
C GLY A 48 9.88 6.75 -7.70
N LYS A 49 9.24 7.00 -6.57
CA LYS A 49 9.53 6.22 -5.38
C LYS A 49 9.03 4.81 -5.60
N LEU A 50 8.07 4.67 -6.50
CA LEU A 50 7.49 3.36 -6.82
C LEU A 50 8.36 2.65 -7.81
N TYR A 51 8.91 3.40 -8.76
CA TYR A 51 9.79 2.81 -9.76
C TYR A 51 11.00 2.23 -9.08
N GLU A 52 11.49 2.92 -8.06
CA GLU A 52 12.64 2.46 -7.33
C GLU A 52 12.33 1.12 -6.69
N ARG A 53 11.18 1.02 -6.03
CA ARG A 53 10.78 -0.23 -5.38
C ARG A 53 10.65 -1.33 -6.40
N LEU A 54 10.26 -0.95 -7.61
CA LEU A 54 10.08 -1.87 -8.72
C LEU A 54 11.39 -2.21 -9.40
N ASP A 55 12.50 -1.81 -8.79
CA ASP A 55 13.83 -2.03 -9.34
C ASP A 55 14.09 -1.38 -10.71
N ARG A 56 13.21 -0.46 -11.10
CA ARG A 56 13.37 0.29 -12.35
C ARG A 56 13.84 1.68 -11.92
N THR A 57 14.87 1.70 -11.10
CA THR A 57 15.45 2.94 -10.57
C THR A 57 15.76 4.04 -11.59
N ASP A 58 16.40 3.69 -12.69
CA ASP A 58 16.72 4.68 -13.69
C ASP A 58 15.44 5.37 -14.21
N ASP A 59 14.35 4.62 -14.27
CA ASP A 59 13.06 5.16 -14.68
C ASP A 59 12.57 6.16 -13.62
N ALA A 60 12.89 5.87 -12.37
CA ALA A 60 12.50 6.71 -11.27
C ALA A 60 13.15 8.09 -11.39
N ILE A 61 14.42 8.10 -11.79
CA ILE A 61 15.18 9.33 -11.92
C ILE A 61 14.71 10.22 -13.09
N ASP A 62 14.22 9.61 -14.16
CA ASP A 62 13.74 10.41 -15.28
C ASP A 62 12.43 11.00 -14.87
N THR A 63 11.78 10.38 -13.88
CA THR A 63 10.49 10.88 -13.42
C THR A 63 10.74 12.00 -12.41
N TYR A 64 11.70 11.82 -11.51
CA TYR A 64 12.02 12.87 -10.57
C TYR A 64 12.45 14.09 -11.37
N ALA A 65 13.15 13.86 -12.48
CA ALA A 65 13.64 14.96 -13.29
C ALA A 65 12.51 15.64 -14.03
N GLN A 66 11.54 14.84 -14.47
CA GLN A 66 10.37 15.38 -15.15
C GLN A 66 9.58 16.21 -14.12
N GLY A 67 9.52 15.68 -12.89
CA GLY A 67 8.82 16.37 -11.83
C GLY A 67 9.46 17.69 -11.46
N ILE A 68 10.77 17.70 -11.39
CA ILE A 68 11.49 18.91 -11.07
C ILE A 68 11.32 19.98 -12.15
N GLU A 69 11.03 19.60 -13.40
CA GLU A 69 10.83 20.63 -14.42
C GLU A 69 9.46 21.29 -14.22
N VAL A 70 8.43 20.48 -13.99
CA VAL A 70 7.11 21.07 -13.79
C VAL A 70 7.06 21.81 -12.44
N ALA A 71 7.72 21.28 -11.41
CA ALA A 71 7.66 21.94 -10.11
C ALA A 71 8.30 23.34 -10.08
N ARG A 72 9.37 23.55 -10.84
CA ARG A 72 9.97 24.89 -10.86
C ARG A 72 8.87 25.77 -11.43
N GLU A 73 8.46 25.46 -12.65
CA GLU A 73 7.43 26.22 -13.33
C GLU A 73 6.03 26.25 -12.69
N GLU A 74 5.51 25.09 -12.29
CA GLU A 74 4.13 25.03 -11.76
C GLU A 74 3.95 24.40 -10.38
N GLY A 75 5.02 24.29 -9.61
CA GLY A 75 4.89 23.67 -8.31
C GLY A 75 5.22 24.61 -7.18
N THR A 76 5.39 24.04 -6.00
CA THR A 76 5.67 24.77 -4.78
C THR A 76 6.99 24.28 -4.19
N GLN A 77 7.72 25.15 -3.48
CA GLN A 77 9.00 24.76 -2.87
C GLN A 77 8.95 23.43 -2.15
N LYS A 78 7.86 23.17 -1.43
CA LYS A 78 7.69 21.89 -0.76
C LYS A 78 7.82 20.77 -1.84
N ASP A 79 7.09 20.92 -2.94
CA ASP A 79 7.14 19.93 -4.02
C ASP A 79 8.52 19.82 -4.66
N LEU A 80 9.09 20.98 -4.99
CA LEU A 80 10.41 21.01 -5.60
C LEU A 80 11.43 20.34 -4.72
N SER A 81 11.34 20.59 -3.43
CA SER A 81 12.29 20.03 -2.48
C SER A 81 12.26 18.51 -2.34
N GLU A 82 11.08 17.93 -2.19
CA GLU A 82 10.99 16.49 -2.00
C GLU A 82 11.52 15.70 -3.19
N LEU A 83 11.30 16.23 -4.38
CA LEU A 83 11.75 15.65 -5.65
C LEU A 83 13.28 15.74 -5.71
N GLN A 84 13.81 16.95 -5.51
CA GLN A 84 15.24 17.16 -5.52
C GLN A 84 15.92 16.21 -4.58
N ASP A 85 15.37 16.08 -3.37
CA ASP A 85 15.91 15.19 -2.35
C ASP A 85 15.87 13.75 -2.79
N ALA A 86 14.74 13.37 -3.36
CA ALA A 86 14.54 12.01 -3.82
C ALA A 86 15.52 11.61 -4.91
N LYS A 87 15.64 12.50 -5.90
CA LYS A 87 16.53 12.30 -7.05
C LYS A 87 17.97 12.10 -6.61
N LEU A 88 18.47 13.02 -5.79
CA LEU A 88 19.84 12.93 -5.32
C LEU A 88 20.15 11.66 -4.54
N LYS A 89 19.15 11.11 -3.86
CA LYS A 89 19.38 9.92 -3.08
C LYS A 89 19.38 8.69 -3.97
N ALA A 90 18.50 8.68 -4.94
CA ALA A 90 18.43 7.58 -5.89
C ALA A 90 19.81 7.46 -6.54
N GLU A 91 20.34 8.62 -6.94
CA GLU A 91 21.64 8.68 -7.56
C GLU A 91 22.75 8.17 -6.65
N GLY A 92 22.67 8.48 -5.36
CA GLY A 92 23.68 8.01 -4.44
C GLY A 92 23.50 6.53 -4.07
N LEU A 93 23.10 5.71 -5.03
CA LEU A 93 22.90 4.30 -4.76
C LEU A 93 23.93 3.45 -5.50
N GLU A 94 24.12 3.73 -6.79
CA GLU A 94 25.09 2.99 -7.59
C GLU A 94 25.94 3.88 -8.51
N GLU B 5 -0.79 -36.48 -10.49
CA GLU B 5 0.49 -36.27 -11.24
C GLU B 5 0.34 -35.23 -12.36
N ASP B 6 -0.85 -34.66 -12.46
CA ASP B 6 -1.11 -33.62 -13.46
C ASP B 6 -0.72 -32.34 -12.69
N PRO B 7 -0.37 -31.26 -13.41
CA PRO B 7 0.04 -29.92 -12.93
C PRO B 7 -1.06 -29.18 -12.16
N PHE B 8 -2.25 -29.08 -12.76
CA PHE B 8 -3.35 -28.41 -12.09
C PHE B 8 -3.90 -29.33 -11.02
N THR B 9 -4.00 -30.62 -11.34
CA THR B 9 -4.53 -31.59 -10.39
C THR B 9 -3.85 -31.43 -9.03
N ARG B 10 -2.53 -31.40 -9.04
CA ARG B 10 -1.74 -31.25 -7.82
C ARG B 10 -2.03 -29.87 -7.23
N TYR B 11 -1.84 -28.84 -8.06
CA TYR B 11 -2.05 -27.46 -7.66
C TYR B 11 -3.32 -27.35 -6.81
N ALA B 12 -4.46 -27.65 -7.43
CA ALA B 12 -5.75 -27.59 -6.77
C ALA B 12 -5.75 -28.28 -5.41
N LEU B 13 -4.96 -29.35 -5.31
CA LEU B 13 -4.86 -30.13 -4.07
C LEU B 13 -4.08 -29.41 -2.99
N ALA B 14 -3.05 -28.67 -3.41
CA ALA B 14 -2.24 -27.91 -2.48
C ALA B 14 -3.12 -26.83 -1.85
N GLN B 15 -4.10 -26.34 -2.60
CA GLN B 15 -5.01 -25.31 -2.12
C GLN B 15 -6.04 -25.87 -1.19
N GLU B 16 -6.49 -27.10 -1.46
CA GLU B 16 -7.45 -27.72 -0.58
C GLU B 16 -6.77 -28.05 0.75
N HIS B 17 -5.52 -28.49 0.69
CA HIS B 17 -4.82 -28.77 1.94
C HIS B 17 -4.76 -27.48 2.72
N LEU B 18 -4.42 -26.40 2.03
CA LEU B 18 -4.32 -25.09 2.66
C LEU B 18 -5.60 -24.68 3.36
N LYS B 19 -6.72 -24.79 2.65
CA LYS B 19 -8.02 -24.46 3.23
C LYS B 19 -8.22 -25.33 4.45
N HIS B 20 -7.77 -26.58 4.35
CA HIS B 20 -7.93 -27.49 5.48
C HIS B 20 -6.89 -27.47 6.60
N ASP B 21 -6.06 -26.44 6.56
CA ASP B 21 -4.98 -26.31 7.55
C ASP B 21 -3.72 -27.20 7.43
N ASN B 22 -3.53 -27.89 6.32
CA ASN B 22 -2.33 -28.69 6.12
C ASN B 22 -1.32 -27.81 5.38
N ALA B 23 -0.72 -26.87 6.08
CA ALA B 23 0.21 -25.94 5.48
C ALA B 23 1.50 -26.58 4.97
N SER B 24 2.11 -27.46 5.77
CA SER B 24 3.35 -28.13 5.39
C SER B 24 3.13 -29.00 4.18
N ARG B 25 2.00 -29.69 4.15
CA ARG B 25 1.71 -30.53 3.02
C ARG B 25 1.68 -29.64 1.79
N ALA B 26 0.80 -28.64 1.79
CA ALA B 26 0.67 -27.72 0.67
C ALA B 26 2.04 -27.17 0.25
N LEU B 27 2.91 -26.93 1.21
CA LEU B 27 4.24 -26.44 0.88
C LEU B 27 4.96 -27.45 0.00
N ALA B 28 4.86 -28.71 0.41
CA ALA B 28 5.49 -29.80 -0.32
C ALA B 28 4.94 -29.86 -1.75
N LEU B 29 3.62 -29.78 -1.88
CA LEU B 29 3.00 -29.84 -3.19
C LEU B 29 3.35 -28.65 -4.09
N PHE B 30 3.55 -27.49 -3.47
CA PHE B 30 3.89 -26.29 -4.22
C PHE B 30 5.36 -26.30 -4.65
N GLU B 31 6.26 -26.41 -3.67
CA GLU B 31 7.70 -26.45 -3.90
C GLU B 31 8.03 -27.44 -5.00
N GLU B 32 7.19 -28.45 -5.09
CA GLU B 32 7.33 -29.49 -6.08
C GLU B 32 7.03 -28.88 -7.44
N LEU B 33 5.78 -28.51 -7.67
CA LEU B 33 5.35 -27.89 -8.93
C LEU B 33 6.37 -26.89 -9.46
N VAL B 34 7.08 -26.23 -8.56
CA VAL B 34 8.09 -25.25 -8.96
C VAL B 34 9.29 -25.97 -9.56
N GLU B 35 9.55 -27.18 -9.06
CA GLU B 35 10.68 -27.95 -9.53
C GLU B 35 10.33 -28.97 -10.60
N THR B 36 9.06 -29.13 -10.95
CA THR B 36 8.72 -30.07 -11.99
C THR B 36 8.00 -29.32 -13.10
N ASP B 37 7.21 -28.31 -12.74
CA ASP B 37 6.51 -27.49 -13.73
C ASP B 37 6.78 -26.03 -13.39
N PRO B 38 8.03 -25.59 -13.58
CA PRO B 38 8.40 -24.19 -13.29
C PRO B 38 7.63 -23.21 -14.17
N ASP B 39 7.05 -23.71 -15.26
CA ASP B 39 6.30 -22.84 -16.15
C ASP B 39 4.84 -22.63 -15.78
N TYR B 40 4.37 -23.34 -14.76
CA TYR B 40 2.99 -23.19 -14.28
C TYR B 40 3.04 -21.95 -13.38
N VAL B 41 2.27 -20.93 -13.76
CA VAL B 41 2.26 -19.67 -13.03
C VAL B 41 1.47 -19.50 -11.72
N GLY B 42 0.34 -20.19 -11.59
CA GLY B 42 -0.44 -20.06 -10.37
C GLY B 42 0.37 -20.32 -9.09
N THR B 43 1.25 -21.29 -9.17
CA THR B 43 2.11 -21.72 -8.07
C THR B 43 2.90 -20.68 -7.29
N TYR B 44 3.65 -19.84 -7.99
CA TYR B 44 4.48 -18.84 -7.32
C TYR B 44 3.85 -17.86 -6.33
N TYR B 45 2.64 -17.39 -6.60
CA TYR B 45 2.05 -16.46 -5.66
C TYR B 45 1.79 -17.15 -4.32
N HIS B 46 1.03 -18.24 -4.37
CA HIS B 46 0.67 -19.01 -3.19
C HIS B 46 1.87 -19.53 -2.43
N LEU B 47 2.87 -20.04 -3.14
CA LEU B 47 4.07 -20.53 -2.51
C LEU B 47 4.69 -19.38 -1.71
N GLY B 48 4.81 -18.21 -2.35
CA GLY B 48 5.38 -17.05 -1.69
C GLY B 48 4.63 -16.66 -0.44
N LYS B 49 3.31 -16.59 -0.55
CA LYS B 49 2.49 -16.25 0.61
C LYS B 49 2.74 -17.27 1.72
N LEU B 50 2.64 -18.54 1.39
CA LEU B 50 2.87 -19.63 2.33
C LEU B 50 4.25 -19.48 2.94
N TYR B 51 5.25 -19.23 2.08
CA TYR B 51 6.61 -19.04 2.56
C TYR B 51 6.69 -17.94 3.61
N GLU B 52 5.92 -16.88 3.37
CA GLU B 52 5.85 -15.75 4.29
C GLU B 52 5.21 -16.13 5.62
N ARG B 53 4.13 -16.91 5.59
CA ARG B 53 3.50 -17.32 6.82
C ARG B 53 4.45 -18.18 7.61
N LEU B 54 5.25 -18.99 6.92
CA LEU B 54 6.20 -19.87 7.61
C LEU B 54 7.50 -19.17 7.98
N ASP B 55 7.47 -17.85 8.04
CA ASP B 55 8.64 -17.06 8.40
C ASP B 55 9.83 -17.20 7.46
N ARG B 56 9.55 -17.47 6.19
CA ARG B 56 10.58 -17.62 5.17
C ARG B 56 10.49 -16.46 4.19
N THR B 57 10.52 -15.22 4.71
CA THR B 57 10.39 -14.06 3.82
C THR B 57 11.41 -14.03 2.66
N ASP B 58 12.66 -14.41 2.91
CA ASP B 58 13.65 -14.42 1.85
C ASP B 58 13.19 -15.33 0.73
N ASP B 59 12.94 -16.58 1.08
CA ASP B 59 12.46 -17.58 0.13
C ASP B 59 11.19 -17.09 -0.58
N ALA B 60 10.37 -16.34 0.14
CA ALA B 60 9.13 -15.81 -0.43
C ALA B 60 9.49 -14.80 -1.51
N ILE B 61 10.34 -13.84 -1.16
CA ILE B 61 10.78 -12.79 -2.08
C ILE B 61 11.40 -13.44 -3.32
N ASP B 62 12.21 -14.47 -3.09
CA ASP B 62 12.85 -15.22 -4.17
C ASP B 62 11.82 -15.81 -5.13
N THR B 63 10.86 -16.51 -4.55
CA THR B 63 9.79 -17.16 -5.28
C THR B 63 9.01 -16.17 -6.14
N TYR B 64 8.80 -14.97 -5.63
CA TYR B 64 8.08 -13.95 -6.40
C TYR B 64 8.91 -13.51 -7.59
N ALA B 65 10.23 -13.41 -7.41
CA ALA B 65 11.11 -13.02 -8.48
C ALA B 65 11.01 -14.07 -9.59
N GLN B 66 11.22 -15.33 -9.22
CA GLN B 66 11.14 -16.43 -10.19
C GLN B 66 9.75 -16.47 -10.82
N GLY B 67 8.73 -16.09 -10.04
CA GLY B 67 7.38 -16.07 -10.56
C GLY B 67 7.21 -14.91 -11.53
N ILE B 68 7.58 -13.73 -11.07
CA ILE B 68 7.52 -12.50 -11.85
C ILE B 68 8.20 -12.73 -13.19
N GLU B 69 9.23 -13.57 -13.18
CA GLU B 69 9.96 -13.83 -14.41
C GLU B 69 9.25 -14.76 -15.38
N VAL B 70 8.74 -15.90 -14.94
CA VAL B 70 8.03 -16.76 -15.88
C VAL B 70 6.78 -15.99 -16.31
N ALA B 71 6.31 -15.11 -15.43
CA ALA B 71 5.09 -14.34 -15.71
C ALA B 71 5.19 -13.47 -16.96
N ARG B 72 6.22 -12.61 -17.04
CA ARG B 72 6.34 -11.75 -18.20
C ARG B 72 6.69 -12.47 -19.50
N GLU B 73 6.56 -13.80 -19.50
CA GLU B 73 6.82 -14.60 -20.69
C GLU B 73 5.56 -15.41 -20.94
N GLU B 74 5.30 -16.32 -20.00
CA GLU B 74 4.17 -17.24 -20.06
C GLU B 74 2.93 -16.75 -19.33
N GLY B 75 3.14 -15.91 -18.33
CA GLY B 75 2.00 -15.43 -17.56
C GLY B 75 1.22 -14.40 -18.33
N THR B 76 0.61 -13.46 -17.61
CA THR B 76 -0.16 -12.40 -18.24
C THR B 76 -0.18 -11.24 -17.27
N GLN B 77 -0.52 -10.06 -17.78
CA GLN B 77 -0.55 -8.86 -16.96
C GLN B 77 -1.17 -9.06 -15.58
N LYS B 78 -2.32 -9.73 -15.54
CA LYS B 78 -3.02 -10.00 -14.28
C LYS B 78 -2.07 -10.67 -13.26
N ASP B 79 -1.39 -11.73 -13.68
CA ASP B 79 -0.46 -12.45 -12.82
C ASP B 79 0.70 -11.58 -12.32
N LEU B 80 1.23 -10.75 -13.22
CA LEU B 80 2.34 -9.88 -12.88
C LEU B 80 1.95 -8.87 -11.81
N SER B 81 0.70 -8.40 -11.88
CA SER B 81 0.21 -7.46 -10.90
C SER B 81 0.30 -8.05 -9.51
N GLU B 82 -0.40 -9.16 -9.28
CA GLU B 82 -0.39 -9.78 -7.96
C GLU B 82 0.99 -10.23 -7.42
N LEU B 83 1.87 -10.66 -8.33
CA LEU B 83 3.21 -11.07 -7.93
C LEU B 83 4.05 -9.84 -7.60
N GLN B 84 3.83 -8.73 -8.31
CA GLN B 84 4.57 -7.52 -8.00
C GLN B 84 4.16 -6.98 -6.64
N ASP B 85 2.86 -6.84 -6.39
CA ASP B 85 2.40 -6.32 -5.11
C ASP B 85 2.91 -7.18 -3.94
N ALA B 86 2.86 -8.49 -4.11
CA ALA B 86 3.31 -9.40 -3.07
C ALA B 86 4.78 -9.19 -2.72
N LYS B 87 5.62 -9.05 -3.72
CA LYS B 87 7.05 -8.85 -3.45
C LYS B 87 7.29 -7.52 -2.71
N LEU B 88 6.67 -6.46 -3.22
CA LEU B 88 6.86 -5.17 -2.61
C LEU B 88 6.36 -5.09 -1.16
N LYS B 89 5.20 -5.69 -0.85
CA LYS B 89 4.73 -5.64 0.53
C LYS B 89 5.67 -6.49 1.38
N ALA B 90 6.11 -7.61 0.79
CA ALA B 90 7.02 -8.53 1.47
C ALA B 90 8.28 -7.79 1.86
N GLU B 91 8.88 -7.10 0.89
CA GLU B 91 10.10 -6.34 1.13
C GLU B 91 9.76 -5.13 1.98
N GLY B 92 8.54 -4.66 1.81
CA GLY B 92 8.08 -3.50 2.56
C GLY B 92 7.85 -3.78 4.04
N LEU B 93 7.74 -5.05 4.42
CA LEU B 93 7.52 -5.41 5.82
C LEU B 93 8.59 -4.79 6.73
N GLU B 94 9.85 -5.06 6.42
CA GLU B 94 10.99 -4.50 7.15
C GLU B 94 12.30 -4.82 6.44
N ASP C 6 -13.94 19.58 15.49
CA ASP C 6 -12.76 20.27 14.89
C ASP C 6 -11.48 19.79 15.55
N PRO C 7 -10.57 19.22 14.76
CA PRO C 7 -9.29 18.71 15.27
C PRO C 7 -8.35 19.83 15.70
N PHE C 8 -8.57 21.02 15.16
CA PHE C 8 -7.72 22.15 15.51
C PHE C 8 -7.95 22.51 16.96
N THR C 9 -9.23 22.47 17.35
CA THR C 9 -9.62 22.80 18.70
C THR C 9 -8.97 21.91 19.73
N ARG C 10 -8.84 20.62 19.42
CA ARG C 10 -8.19 19.72 20.35
C ARG C 10 -6.71 20.04 20.31
N TYR C 11 -6.23 20.44 19.13
CA TYR C 11 -4.84 20.78 18.93
C TYR C 11 -4.48 21.99 19.79
N ALA C 12 -5.35 23.00 19.79
CA ALA C 12 -5.15 24.21 20.58
C ALA C 12 -5.19 23.86 22.08
N LEU C 13 -6.16 23.01 22.41
CA LEU C 13 -6.37 22.50 23.76
C LEU C 13 -5.12 21.83 24.28
N ALA C 14 -4.60 20.90 23.49
CA ALA C 14 -3.40 20.16 23.82
C ALA C 14 -2.22 21.05 24.09
N GLN C 15 -2.24 22.24 23.50
CA GLN C 15 -1.12 23.15 23.67
C GLN C 15 -1.25 24.06 24.88
N GLU C 16 -2.46 24.25 25.36
CA GLU C 16 -2.68 25.07 26.55
C GLU C 16 -2.24 24.20 27.72
N HIS C 17 -2.52 22.89 27.62
CA HIS C 17 -2.16 21.96 28.66
C HIS C 17 -0.65 21.80 28.75
N LEU C 18 0.06 22.52 27.88
CA LEU C 18 1.52 22.46 27.89
C LEU C 18 2.06 23.74 28.49
N LYS C 19 1.35 24.84 28.28
CA LYS C 19 1.77 26.14 28.82
C LYS C 19 1.40 26.23 30.31
N HIS C 20 0.69 25.20 30.79
CA HIS C 20 0.27 25.09 32.19
C HIS C 20 0.90 23.83 32.75
N ASP C 21 1.57 23.12 31.86
CA ASP C 21 2.29 21.89 32.16
C ASP C 21 1.59 20.56 32.48
N ASN C 22 0.33 20.40 32.09
CA ASN C 22 -0.35 19.12 32.29
C ASN C 22 0.27 18.26 31.20
N ALA C 23 1.54 17.91 31.39
CA ALA C 23 2.32 17.13 30.43
C ALA C 23 1.57 16.01 29.71
N SER C 24 0.86 15.17 30.46
CA SER C 24 0.17 14.06 29.80
C SER C 24 -1.25 14.35 29.32
N ARG C 25 -1.87 15.43 29.79
CA ARG C 25 -3.20 15.70 29.29
C ARG C 25 -2.96 16.12 27.87
N ALA C 26 -1.86 16.86 27.68
CA ALA C 26 -1.43 17.30 26.36
C ALA C 26 -1.26 16.01 25.55
N LEU C 27 -0.25 15.23 25.92
CA LEU C 27 0.06 13.96 25.26
C LEU C 27 -1.13 13.12 24.85
N ALA C 28 -2.17 13.08 25.68
CA ALA C 28 -3.37 12.28 25.40
C ALA C 28 -4.10 12.80 24.17
N LEU C 29 -4.26 14.12 24.11
CA LEU C 29 -4.93 14.75 23.02
C LEU C 29 -4.15 14.58 21.72
N PHE C 30 -2.83 14.73 21.79
CA PHE C 30 -2.01 14.59 20.59
C PHE C 30 -2.15 13.20 19.95
N GLU C 31 -1.91 12.17 20.75
CA GLU C 31 -2.03 10.79 20.28
C GLU C 31 -3.40 10.49 19.70
N GLU C 32 -4.45 10.95 20.37
CA GLU C 32 -5.80 10.73 19.85
C GLU C 32 -6.00 11.59 18.62
N LEU C 33 -5.22 12.67 18.51
CA LEU C 33 -5.32 13.54 17.33
C LEU C 33 -4.78 12.73 16.16
N VAL C 34 -3.63 12.09 16.34
CA VAL C 34 -3.04 11.27 15.30
C VAL C 34 -4.04 10.21 14.83
N GLU C 35 -4.50 9.38 15.76
CA GLU C 35 -5.43 8.31 15.41
C GLU C 35 -6.66 8.79 14.64
N THR C 36 -7.38 9.75 15.20
CA THR C 36 -8.57 10.26 14.55
C THR C 36 -8.30 11.15 13.33
N ASP C 37 -7.29 12.01 13.41
CA ASP C 37 -6.94 12.93 12.32
C ASP C 37 -5.46 12.90 12.06
N PRO C 38 -5.00 11.91 11.28
CA PRO C 38 -3.61 11.66 10.90
C PRO C 38 -3.05 12.72 9.97
N ASP C 39 -3.93 13.28 9.16
CA ASP C 39 -3.51 14.26 8.19
C ASP C 39 -3.50 15.69 8.68
N TYR C 40 -3.67 15.86 9.98
CA TYR C 40 -3.62 17.19 10.55
C TYR C 40 -2.14 17.29 10.84
N VAL C 41 -1.43 18.11 10.08
CA VAL C 41 0.01 18.21 10.26
C VAL C 41 0.52 18.69 11.62
N GLY C 42 0.00 19.82 12.08
CA GLY C 42 0.42 20.39 13.36
C GLY C 42 0.78 19.46 14.51
N THR C 43 0.02 18.38 14.64
CA THR C 43 0.16 17.39 15.68
C THR C 43 1.55 16.83 15.92
N TYR C 44 2.17 16.38 14.85
CA TYR C 44 3.44 15.69 14.91
C TYR C 44 4.68 16.37 15.46
N TYR C 45 5.01 17.57 14.98
CA TYR C 45 6.20 18.24 15.52
C TYR C 45 6.08 18.28 17.03
N HIS C 46 4.94 18.79 17.50
CA HIS C 46 4.68 18.90 18.92
C HIS C 46 4.62 17.60 19.70
N LEU C 47 3.90 16.61 19.17
CA LEU C 47 3.80 15.32 19.84
C LEU C 47 5.19 14.71 19.97
N GLY C 48 6.01 14.90 18.95
CA GLY C 48 7.37 14.37 18.99
C GLY C 48 8.25 15.02 20.03
N LYS C 49 8.18 16.34 20.15
CA LYS C 49 9.00 17.04 21.13
C LYS C 49 8.69 16.53 22.55
N LEU C 50 7.42 16.17 22.75
CA LEU C 50 6.94 15.64 24.02
C LEU C 50 7.64 14.31 24.22
N TYR C 51 7.41 13.41 23.27
CA TYR C 51 8.03 12.09 23.27
C TYR C 51 9.52 12.14 23.57
N GLU C 52 10.13 13.31 23.35
CA GLU C 52 11.56 13.43 23.61
C GLU C 52 11.74 13.96 25.04
N ARG C 53 10.90 14.92 25.39
CA ARG C 53 10.89 15.53 26.70
C ARG C 53 10.57 14.43 27.71
N LEU C 54 9.96 13.35 27.24
CA LEU C 54 9.57 12.22 28.07
C LEU C 54 10.32 10.93 27.72
N ASP C 55 11.58 11.06 27.36
CA ASP C 55 12.42 9.90 27.00
C ASP C 55 11.85 8.75 26.14
N ARG C 56 10.84 9.04 25.34
CA ARG C 56 10.25 8.05 24.42
C ARG C 56 10.83 8.43 23.06
N THR C 57 12.15 8.57 23.01
CA THR C 57 12.85 9.02 21.81
C THR C 57 12.67 8.24 20.52
N ASP C 58 12.64 6.92 20.60
CA ASP C 58 12.45 6.12 19.40
C ASP C 58 11.04 6.40 18.87
N ASP C 59 10.10 6.59 19.78
CA ASP C 59 8.72 6.88 19.42
C ASP C 59 8.62 8.30 18.86
N ALA C 60 9.50 9.19 19.29
CA ALA C 60 9.50 10.57 18.79
C ALA C 60 9.83 10.59 17.29
N ILE C 61 10.88 9.86 16.94
CA ILE C 61 11.34 9.79 15.58
C ILE C 61 10.31 9.17 14.63
N ASP C 62 9.63 8.12 15.07
CA ASP C 62 8.61 7.48 14.23
C ASP C 62 7.47 8.47 13.99
N THR C 63 7.45 9.52 14.79
CA THR C 63 6.40 10.53 14.73
C THR C 63 6.75 11.59 13.70
N TYR C 64 7.97 12.09 13.79
CA TYR C 64 8.49 13.07 12.83
C TYR C 64 8.38 12.51 11.42
N ALA C 65 8.66 11.22 11.31
CA ALA C 65 8.62 10.54 10.04
C ALA C 65 7.22 10.63 9.45
N GLN C 66 6.20 10.25 10.23
CA GLN C 66 4.83 10.30 9.74
C GLN C 66 4.46 11.72 9.44
N GLY C 67 5.05 12.64 10.18
CA GLY C 67 4.76 14.04 9.97
C GLY C 67 5.20 14.45 8.58
N ILE C 68 6.41 14.02 8.21
CA ILE C 68 6.97 14.37 6.92
C ILE C 68 6.14 13.79 5.79
N GLU C 69 5.57 12.62 6.03
CA GLU C 69 4.74 11.99 5.01
C GLU C 69 3.50 12.85 4.78
N VAL C 70 2.82 13.22 5.86
CA VAL C 70 1.61 14.02 5.70
C VAL C 70 1.93 15.47 5.32
N ALA C 71 3.07 15.98 5.78
CA ALA C 71 3.44 17.34 5.40
C ALA C 71 3.64 17.41 3.88
N ARG C 72 4.30 16.40 3.32
CA ARG C 72 4.53 16.35 1.88
C ARG C 72 3.22 16.53 1.10
N GLU C 73 2.13 15.99 1.62
CA GLU C 73 0.83 16.10 0.94
C GLU C 73 -0.06 17.21 1.49
N GLU C 74 0.07 17.47 2.79
CA GLU C 74 -0.78 18.45 3.50
C GLU C 74 -0.16 19.72 4.02
N GLY C 75 1.04 19.62 4.55
CA GLY C 75 1.68 20.78 5.14
C GLY C 75 2.34 21.81 4.25
N THR C 76 3.18 22.60 4.89
CA THR C 76 3.92 23.66 4.22
C THR C 76 5.38 23.26 4.17
N GLN C 77 6.18 24.11 3.55
CA GLN C 77 7.59 23.85 3.49
C GLN C 77 8.11 23.97 4.93
N LYS C 78 7.58 24.94 5.68
CA LYS C 78 8.01 25.17 7.05
C LYS C 78 7.76 23.97 7.97
N ASP C 79 6.62 23.32 7.78
CA ASP C 79 6.28 22.15 8.57
C ASP C 79 7.39 21.17 8.33
N LEU C 80 7.59 20.91 7.05
CA LEU C 80 8.61 20.00 6.53
C LEU C 80 10.00 20.29 7.08
N SER C 81 10.45 21.53 6.90
CA SER C 81 11.77 21.93 7.38
C SER C 81 11.92 21.73 8.88
N GLU C 82 10.89 22.08 9.64
CA GLU C 82 10.93 21.91 11.08
C GLU C 82 11.07 20.44 11.39
N LEU C 83 10.06 19.67 10.98
CA LEU C 83 10.04 18.23 11.21
C LEU C 83 11.33 17.55 10.81
N GLN C 84 12.08 18.15 9.89
CA GLN C 84 13.33 17.55 9.43
C GLN C 84 14.50 17.86 10.33
N ASP C 85 14.46 18.99 11.03
CA ASP C 85 15.56 19.34 11.92
C ASP C 85 15.30 18.51 13.15
N ALA C 86 14.03 18.46 13.52
CA ALA C 86 13.60 17.69 14.68
C ALA C 86 14.03 16.24 14.55
N LYS C 87 13.87 15.67 13.35
CA LYS C 87 14.27 14.29 13.15
C LYS C 87 15.78 14.12 13.13
N LEU C 88 16.48 15.08 12.54
CA LEU C 88 17.94 14.99 12.48
C LEU C 88 18.51 15.05 13.89
N LYS C 89 18.17 16.11 14.61
CA LYS C 89 18.64 16.26 15.98
C LYS C 89 18.24 15.07 16.85
N ALA C 90 16.99 14.64 16.73
CA ALA C 90 16.50 13.51 17.52
C ALA C 90 17.27 12.23 17.23
N GLU C 91 17.89 12.15 16.06
CA GLU C 91 18.67 10.98 15.66
C GLU C 91 20.12 11.16 16.06
N GLY C 92 20.61 12.39 15.90
CA GLY C 92 21.99 12.68 16.25
C GLY C 92 22.16 12.90 17.75
N LEU C 93 21.92 14.14 18.19
CA LEU C 93 22.07 14.51 19.60
C LEU C 93 21.24 13.68 20.58
N GLU C 94 20.55 12.65 20.07
CA GLU C 94 19.78 11.77 20.93
C GLU C 94 20.70 11.35 22.08
N SER D 24 -33.95 -5.99 -0.96
CA SER D 24 -34.66 -7.09 -0.31
C SER D 24 -33.76 -8.31 -0.12
N ARG D 25 -34.36 -9.49 -0.10
CA ARG D 25 -33.59 -10.73 0.02
C ARG D 25 -33.07 -11.21 -1.36
N ALA D 26 -32.93 -10.25 -2.27
CA ALA D 26 -32.17 -10.44 -3.51
C ALA D 26 -30.79 -10.96 -3.10
N LEU D 27 -30.36 -10.52 -1.91
CA LEU D 27 -29.14 -10.96 -1.26
C LEU D 27 -28.93 -12.46 -1.45
N ALA D 28 -30.02 -13.20 -1.28
CA ALA D 28 -30.02 -14.67 -1.34
C ALA D 28 -29.68 -15.26 -2.71
N LEU D 29 -29.87 -14.45 -3.76
CA LEU D 29 -29.56 -14.85 -5.14
C LEU D 29 -28.06 -15.13 -5.29
N PHE D 30 -27.25 -14.32 -4.61
CA PHE D 30 -25.80 -14.36 -4.75
C PHE D 30 -25.07 -15.09 -3.60
N GLU D 31 -25.79 -15.38 -2.53
CA GLU D 31 -25.20 -16.14 -1.43
C GLU D 31 -25.23 -17.63 -1.76
N GLU D 32 -26.38 -18.12 -2.20
CA GLU D 32 -26.53 -19.48 -2.71
C GLU D 32 -25.75 -19.60 -4.02
N LEU D 33 -25.70 -18.51 -4.77
CA LEU D 33 -24.87 -18.44 -5.96
C LEU D 33 -23.38 -18.57 -5.59
N VAL D 34 -23.04 -18.12 -4.39
CA VAL D 34 -21.64 -18.06 -3.93
C VAL D 34 -21.06 -19.36 -3.36
N GLU D 35 -21.92 -20.29 -2.92
CA GLU D 35 -21.42 -21.56 -2.37
C GLU D 35 -21.85 -22.78 -3.19
N THR D 36 -22.91 -22.61 -3.98
CA THR D 36 -23.30 -23.61 -4.97
C THR D 36 -22.41 -23.48 -6.22
N ASP D 37 -21.87 -22.28 -6.42
CA ASP D 37 -20.91 -21.99 -7.50
C ASP D 37 -19.94 -20.85 -7.09
N PRO D 38 -19.00 -21.14 -6.15
CA PRO D 38 -18.10 -20.17 -5.51
C PRO D 38 -17.00 -19.61 -6.42
N ASP D 39 -16.41 -20.44 -7.29
CA ASP D 39 -15.31 -20.03 -8.16
C ASP D 39 -15.78 -19.23 -9.37
N TYR D 40 -16.90 -18.53 -9.18
CA TYR D 40 -17.51 -17.66 -10.17
C TYR D 40 -17.28 -16.19 -9.74
N VAL D 41 -16.44 -15.48 -10.49
CA VAL D 41 -15.84 -14.23 -9.99
C VAL D 41 -16.68 -12.94 -10.02
N GLY D 42 -17.40 -12.68 -11.13
CA GLY D 42 -18.21 -11.46 -11.26
C GLY D 42 -19.06 -11.18 -10.03
N THR D 43 -19.55 -12.27 -9.43
CA THR D 43 -20.41 -12.27 -8.24
C THR D 43 -19.85 -11.52 -7.03
N TYR D 44 -18.55 -11.68 -6.80
CA TYR D 44 -17.92 -11.26 -5.55
C TYR D 44 -17.84 -9.74 -5.35
N TYR D 45 -18.36 -9.01 -6.32
CA TYR D 45 -18.40 -7.56 -6.27
C TYR D 45 -19.80 -7.08 -5.94
N HIS D 46 -20.73 -7.37 -6.86
CA HIS D 46 -22.08 -6.83 -6.84
C HIS D 46 -22.81 -6.95 -5.51
N LEU D 47 -22.60 -8.07 -4.81
CA LEU D 47 -23.21 -8.27 -3.48
C LEU D 47 -22.52 -7.51 -2.31
N GLY D 48 -21.18 -7.52 -2.29
CA GLY D 48 -20.46 -6.74 -1.30
C GLY D 48 -20.74 -5.25 -1.44
N LYS D 49 -21.08 -4.82 -2.65
CA LYS D 49 -21.50 -3.44 -2.92
C LYS D 49 -23.00 -3.29 -2.67
N LEU D 50 -23.70 -4.43 -2.62
CA LEU D 50 -25.10 -4.42 -2.23
C LEU D 50 -25.20 -4.00 -0.78
N TYR D 51 -24.36 -4.61 0.05
CA TYR D 51 -24.27 -4.32 1.47
C TYR D 51 -24.00 -2.85 1.76
N GLU D 52 -22.83 -2.37 1.34
CA GLU D 52 -22.45 -0.98 1.55
C GLU D 52 -23.67 -0.07 1.39
N ARG D 53 -24.36 -0.22 0.25
CA ARG D 53 -25.58 0.52 -0.06
C ARG D 53 -26.72 0.20 0.93
N LEU D 54 -26.75 -1.04 1.39
CA LEU D 54 -27.73 -1.50 2.38
C LEU D 54 -27.23 -1.40 3.82
N ASP D 55 -26.22 -0.56 4.06
CA ASP D 55 -25.79 -0.19 5.42
C ASP D 55 -25.06 -1.26 6.25
N ARG D 56 -24.89 -2.46 5.68
CA ARG D 56 -24.08 -3.50 6.32
C ARG D 56 -22.69 -3.58 5.67
N THR D 57 -21.69 -3.00 6.33
CA THR D 57 -20.38 -2.80 5.68
C THR D 57 -19.23 -3.75 6.03
N ASP D 58 -19.17 -4.21 7.27
CA ASP D 58 -18.06 -5.09 7.70
C ASP D 58 -18.11 -6.43 6.98
N ASP D 59 -19.32 -6.95 6.80
CA ASP D 59 -19.50 -8.21 6.11
C ASP D 59 -19.31 -8.05 4.59
N ALA D 60 -19.55 -6.84 4.09
CA ALA D 60 -19.32 -6.55 2.68
C ALA D 60 -17.86 -6.56 2.18
N ILE D 61 -16.93 -6.01 2.98
CA ILE D 61 -15.49 -6.17 2.76
C ILE D 61 -14.98 -7.59 2.63
N ASP D 62 -14.99 -8.31 3.75
CA ASP D 62 -14.61 -9.72 3.86
C ASP D 62 -15.23 -10.59 2.78
N THR D 63 -16.55 -10.51 2.65
CA THR D 63 -17.23 -11.32 1.66
C THR D 63 -16.93 -10.82 0.23
N TYR D 64 -17.15 -9.53 -0.02
CA TYR D 64 -16.99 -9.00 -1.36
C TYR D 64 -15.54 -8.75 -1.75
N ALA D 65 -14.61 -9.31 -0.99
CA ALA D 65 -13.18 -9.14 -1.29
C ALA D 65 -12.57 -10.46 -1.72
N GLN D 66 -13.29 -11.56 -1.50
CA GLN D 66 -12.82 -12.90 -1.88
C GLN D 66 -12.89 -13.09 -3.39
N GLY D 67 -13.17 -12.00 -4.09
CA GLY D 67 -13.15 -11.96 -5.53
C GLY D 67 -11.72 -11.86 -6.01
N ILE D 68 -10.90 -11.12 -5.26
CA ILE D 68 -9.47 -11.00 -5.53
C ILE D 68 -8.81 -12.37 -5.41
N GLU D 69 -9.19 -13.09 -4.36
CA GLU D 69 -8.66 -14.42 -4.11
C GLU D 69 -8.95 -15.32 -5.31
N VAL D 70 -10.08 -15.08 -5.96
CA VAL D 70 -10.58 -15.91 -7.05
C VAL D 70 -10.37 -15.32 -8.44
N ALA D 71 -10.30 -14.00 -8.52
CA ALA D 71 -10.13 -13.34 -9.81
C ALA D 71 -8.66 -13.39 -10.17
N ARG D 72 -7.83 -13.43 -9.14
CA ARG D 72 -6.40 -13.67 -9.31
C ARG D 72 -6.19 -15.00 -10.05
N GLU D 73 -7.10 -15.94 -9.78
CA GLU D 73 -7.13 -17.25 -10.41
C GLU D 73 -7.80 -17.20 -11.79
N GLU D 74 -9.13 -17.20 -11.75
CA GLU D 74 -9.97 -17.36 -12.94
C GLU D 74 -10.31 -16.02 -13.60
N GLY D 75 -9.91 -14.91 -12.97
CA GLY D 75 -10.27 -13.59 -13.44
C GLY D 75 -9.27 -12.91 -14.35
N THR D 76 -9.47 -11.61 -14.58
CA THR D 76 -8.64 -10.79 -15.46
C THR D 76 -8.25 -9.44 -14.81
N GLN D 77 -7.37 -8.69 -15.46
CA GLN D 77 -6.94 -7.37 -14.95
C GLN D 77 -8.07 -6.35 -14.95
N LYS D 78 -8.70 -6.18 -16.11
CA LYS D 78 -9.89 -5.35 -16.25
C LYS D 78 -10.81 -5.51 -15.03
N ASP D 79 -10.71 -6.68 -14.39
CA ASP D 79 -11.60 -7.08 -13.30
C ASP D 79 -10.93 -7.06 -11.93
N LEU D 80 -9.63 -7.34 -11.90
CA LEU D 80 -8.88 -7.30 -10.65
C LEU D 80 -8.89 -5.87 -10.08
N SER D 81 -8.80 -4.91 -11.00
CA SER D 81 -8.78 -3.50 -10.65
C SER D 81 -9.99 -3.13 -9.78
N GLU D 82 -11.18 -3.14 -10.39
CA GLU D 82 -12.44 -2.79 -9.74
C GLU D 82 -12.53 -3.29 -8.31
N LEU D 83 -12.02 -4.49 -8.06
CA LEU D 83 -12.18 -5.16 -6.76
C LEU D 83 -11.31 -4.57 -5.65
N GLN D 84 -10.10 -4.15 -5.99
CA GLN D 84 -9.23 -3.47 -5.03
C GLN D 84 -9.74 -2.05 -4.80
N ASP D 85 -10.15 -1.39 -5.88
CA ASP D 85 -10.80 -0.08 -5.81
C ASP D 85 -12.01 -0.12 -4.86
N ALA D 86 -12.73 -1.24 -4.91
CA ALA D 86 -13.89 -1.47 -4.06
C ALA D 86 -13.49 -1.72 -2.60
N LYS D 87 -12.76 -2.81 -2.37
CA LYS D 87 -12.36 -3.22 -1.01
C LYS D 87 -11.75 -2.09 -0.16
N LEU D 88 -11.02 -1.20 -0.81
CA LEU D 88 -10.39 -0.07 -0.14
C LEU D 88 -11.38 1.11 0.00
N LYS D 89 -12.13 1.39 -1.07
CA LYS D 89 -13.26 2.31 -1.00
C LYS D 89 -14.24 1.87 0.09
N ALA D 90 -14.14 0.59 0.45
CA ALA D 90 -14.89 0.00 1.56
C ALA D 90 -14.53 0.41 2.98
N GLU D 91 -13.38 -0.04 3.47
CA GLU D 91 -12.83 0.42 4.74
C GLU D 91 -12.92 1.94 4.87
#